data_7CEA
#
_entry.id   7CEA
#
_cell.length_a   88.367
_cell.length_b   88.367
_cell.length_c   78.117
_cell.angle_alpha   90.000
_cell.angle_beta   90.000
_cell.angle_gamma   120.000
#
_symmetry.space_group_name_H-M   'P 32 2 1'
#
loop_
_entity.id
_entity.type
_entity.pdbx_description
1 polymer 'HUTS-4 VH(S112C)-SARAH'
2 polymer 'HUTS-4 VL(C87Y)-SARAH(S37C)'
#
loop_
_entity_poly.entity_id
_entity_poly.type
_entity_poly.pdbx_seq_one_letter_code
_entity_poly.pdbx_strand_id
1 'polypeptide(L)'
;MQVTLKESGPGILQPSQTLSLTCSFSGFSLSTSGMGVSWIRQPSGKGLEWLAHIYWDDDKRYHPSLKSRLTISKDTSSNQ
VFLKITSVDTADTATYYCARSIYDGYYDYFDVWGAGTTVTVCSGSDYEFLKSWTVEDLQKRLLALDPMMEQEIEEIRQKY
QSKRQPILDAIEAK
;
A
2 'polypeptide(L)'
;MQIVLSQSPAILSASPGEKVTMTCRATSSVTYMHWYQQKPGSSPKPWIYATSNLASGVPARFSGSGSGTSYSLTISRVEA
ADAATYYCQQWTSNPPTFGGGTKLEIKRGSDYEFLKSWTVEDLQKRLLALDPMMEQEIEEIRQKYQCKRQPILDAIEAK
;
B
#
# COMPACT_ATOMS: atom_id res chain seq x y z
N MET A 1 -7.68 23.22 -7.13
CA MET A 1 -6.51 23.06 -7.98
C MET A 1 -6.22 21.59 -8.25
N GLN A 2 -5.50 20.94 -7.34
CA GLN A 2 -4.99 19.61 -7.56
C GLN A 2 -5.94 18.55 -6.99
N VAL A 3 -5.52 17.29 -7.08
CA VAL A 3 -6.34 16.14 -6.76
C VAL A 3 -5.92 15.56 -5.42
N THR A 4 -6.90 15.18 -4.60
CA THR A 4 -6.66 14.40 -3.40
C THR A 4 -7.67 13.26 -3.35
N LEU A 5 -7.28 12.17 -2.69
CA LEU A 5 -8.19 11.06 -2.44
C LEU A 5 -8.06 10.63 -0.99
N LYS A 6 -9.18 10.25 -0.39
CA LYS A 6 -9.22 9.83 0.99
C LYS A 6 -10.09 8.59 1.09
N GLU A 7 -9.53 7.53 1.66
CA GLU A 7 -10.26 6.28 1.82
C GLU A 7 -10.79 6.16 3.24
N SER A 8 -12.05 5.74 3.37
CA SER A 8 -12.70 5.54 4.66
C SER A 8 -12.93 4.05 4.86
N GLY A 9 -12.22 3.46 5.84
CA GLY A 9 -12.34 2.04 6.09
C GLY A 9 -12.99 1.71 7.43
N PRO A 10 -13.20 0.42 7.68
CA PRO A 10 -13.84 0.01 8.93
C PRO A 10 -12.84 -0.44 9.99
N GLY A 11 -11.57 -0.51 9.62
CA GLY A 11 -10.55 -1.02 10.52
C GLY A 11 -10.49 -2.52 10.58
N ILE A 12 -11.47 -3.16 11.22
CA ILE A 12 -11.42 -4.60 11.47
C ILE A 12 -12.74 -5.23 11.05
N LEU A 13 -12.64 -6.50 10.64
CA LEU A 13 -13.78 -7.33 10.27
C LEU A 13 -13.52 -8.76 10.73
N GLN A 14 -14.60 -9.50 10.89
CA GLN A 14 -14.50 -10.93 11.06
C GLN A 14 -14.76 -11.64 9.74
N PRO A 15 -14.34 -12.90 9.60
CA PRO A 15 -14.44 -13.56 8.30
C PRO A 15 -15.87 -13.73 7.81
N SER A 16 -15.98 -13.86 6.48
CA SER A 16 -17.21 -14.07 5.72
C SER A 16 -18.01 -12.78 5.54
N GLN A 17 -17.65 -11.73 6.27
CA GLN A 17 -18.42 -10.50 6.25
C GLN A 17 -18.09 -9.66 5.02
N THR A 18 -19.02 -8.79 4.67
CA THR A 18 -18.90 -7.92 3.49
C THR A 18 -18.10 -6.69 3.88
N LEU A 19 -16.82 -6.69 3.53
CA LEU A 19 -16.02 -5.49 3.70
C LEU A 19 -16.46 -4.43 2.70
N SER A 20 -16.75 -3.24 3.20
CA SER A 20 -17.14 -2.12 2.35
C SER A 20 -16.16 -0.97 2.57
N LEU A 21 -15.77 -0.31 1.48
CA LEU A 21 -14.85 0.81 1.54
C LEU A 21 -15.42 2.01 0.80
N THR A 22 -15.06 3.19 1.27
CA THR A 22 -15.40 4.44 0.62
C THR A 22 -14.11 5.12 0.17
N CYS A 23 -14.16 5.76 -1.00
CA CYS A 23 -13.06 6.60 -1.47
C CYS A 23 -13.65 7.91 -1.95
N SER A 24 -13.37 8.97 -1.22
CA SER A 24 -13.82 10.30 -1.57
C SER A 24 -12.68 11.04 -2.27
N PHE A 25 -13.01 11.94 -3.18
CA PHE A 25 -11.96 12.61 -3.92
C PHE A 25 -12.40 14.02 -4.30
N SER A 26 -11.43 14.82 -4.73
CA SER A 26 -11.67 16.19 -5.14
C SER A 26 -10.65 16.58 -6.20
N GLY A 27 -11.04 17.50 -7.06
CA GLY A 27 -10.18 17.96 -8.15
C GLY A 27 -10.55 17.40 -9.50
N PHE A 28 -11.45 16.42 -9.56
CA PHE A 28 -11.96 15.90 -10.82
C PHE A 28 -13.31 15.26 -10.57
N SER A 29 -14.08 15.09 -11.63
CA SER A 29 -15.38 14.44 -11.55
C SER A 29 -15.43 13.23 -12.48
N LEU A 30 -16.28 12.28 -12.12
CA LEU A 30 -16.63 11.15 -12.97
C LEU A 30 -17.75 11.47 -13.95
N SER A 31 -18.01 12.75 -14.19
CA SER A 31 -18.79 13.18 -15.34
C SER A 31 -17.90 13.59 -16.49
N THR A 32 -16.59 13.53 -16.32
CA THR A 32 -15.63 13.86 -17.37
C THR A 32 -15.14 12.58 -18.01
N SER A 33 -15.33 12.47 -19.32
CA SER A 33 -14.88 11.31 -20.07
C SER A 33 -13.38 11.10 -19.89
N GLY A 34 -12.98 9.86 -19.78
CA GLY A 34 -11.60 9.51 -19.51
C GLY A 34 -11.29 9.36 -18.04
N MET A 35 -12.15 9.88 -17.17
CA MET A 35 -11.91 9.79 -15.73
C MET A 35 -12.29 8.41 -15.23
N GLY A 36 -11.41 7.85 -14.38
CA GLY A 36 -11.70 6.59 -13.75
C GLY A 36 -10.90 6.43 -12.48
N VAL A 37 -11.41 5.58 -11.60
CA VAL A 37 -10.84 5.37 -10.27
C VAL A 37 -10.85 3.88 -9.97
N SER A 38 -9.70 3.36 -9.52
CA SER A 38 -9.55 1.94 -9.30
C SER A 38 -9.03 1.65 -7.89
N TRP A 39 -9.35 0.46 -7.40
CA TRP A 39 -8.92 0.03 -6.08
C TRP A 39 -7.75 -0.92 -6.19
N ILE A 40 -6.73 -0.65 -5.37
CA ILE A 40 -5.51 -1.44 -5.28
C ILE A 40 -5.31 -1.75 -3.81
N ARG A 41 -4.78 -2.93 -3.53
CA ARG A 41 -4.57 -3.31 -2.14
C ARG A 41 -3.16 -3.87 -1.99
N GLN A 42 -2.60 -3.69 -0.80
CA GLN A 42 -1.25 -4.14 -0.52
C GLN A 42 -1.17 -4.87 0.81
N PRO A 43 -0.97 -6.19 0.80
CA PRO A 43 -0.73 -6.91 2.04
C PRO A 43 0.53 -6.40 2.73
N SER A 44 0.57 -6.55 4.05
CA SER A 44 1.68 -6.03 4.83
C SER A 44 2.98 -6.70 4.39
N GLY A 45 3.93 -5.90 3.94
CA GLY A 45 5.20 -6.44 3.49
C GLY A 45 5.12 -7.28 2.25
N LYS A 46 4.09 -7.08 1.43
CA LYS A 46 3.93 -7.78 0.16
C LYS A 46 3.65 -6.76 -0.93
N GLY A 47 3.40 -7.25 -2.15
CA GLY A 47 3.30 -6.39 -3.30
C GLY A 47 1.91 -5.86 -3.54
N LEU A 48 1.82 -4.98 -4.54
CA LEU A 48 0.56 -4.38 -4.91
C LEU A 48 -0.30 -5.38 -5.67
N GLU A 49 -1.59 -5.44 -5.32
CA GLU A 49 -2.58 -6.23 -6.06
C GLU A 49 -3.74 -5.32 -6.45
N TRP A 50 -3.83 -5.00 -7.73
CA TRP A 50 -4.96 -4.27 -8.26
C TRP A 50 -6.27 -5.05 -8.13
N LEU A 51 -7.37 -4.33 -7.92
CA LEU A 51 -8.64 -4.95 -7.57
C LEU A 51 -9.72 -4.68 -8.63
N ALA A 52 -10.17 -3.44 -8.76
CA ALA A 52 -11.31 -3.09 -9.60
C ALA A 52 -11.05 -1.70 -10.17
N HIS A 53 -11.99 -1.21 -10.98
CA HIS A 53 -11.93 0.11 -11.62
C HIS A 53 -13.35 0.53 -11.98
N ILE A 54 -13.53 1.80 -12.34
CA ILE A 54 -14.82 2.29 -12.79
C ILE A 54 -14.60 3.60 -13.53
N TYR A 55 -15.38 3.81 -14.60
CA TYR A 55 -15.19 4.94 -15.51
C TYR A 55 -16.35 5.92 -15.40
N TRP A 56 -16.16 7.06 -16.08
CA TRP A 56 -17.24 8.04 -16.25
C TRP A 56 -18.47 7.42 -16.87
N ASP A 57 -18.30 6.46 -17.77
CA ASP A 57 -19.45 5.82 -18.39
C ASP A 57 -19.93 4.60 -17.63
N ASP A 58 -19.64 4.53 -16.33
CA ASP A 58 -20.18 3.49 -15.44
C ASP A 58 -19.71 2.10 -15.85
N ASP A 59 -18.55 2.00 -16.47
CA ASP A 59 -18.03 0.74 -16.95
C ASP A 59 -17.01 0.20 -15.96
N LYS A 60 -17.18 -1.06 -15.55
CA LYS A 60 -16.44 -1.65 -14.46
C LYS A 60 -15.45 -2.70 -14.97
N ARG A 61 -14.36 -2.85 -14.23
CA ARG A 61 -13.34 -3.86 -14.44
C ARG A 61 -13.04 -4.54 -13.12
N TYR A 62 -12.67 -5.81 -13.19
CA TYR A 62 -12.49 -6.58 -11.96
C TYR A 62 -11.29 -7.50 -12.10
N HIS A 63 -10.63 -7.72 -10.96
CA HIS A 63 -9.67 -8.81 -10.89
C HIS A 63 -10.36 -10.12 -11.26
N PRO A 64 -9.85 -10.87 -12.23
CA PRO A 64 -10.58 -12.09 -12.61
C PRO A 64 -10.59 -13.12 -11.49
N SER A 65 -9.52 -13.14 -10.69
CA SER A 65 -9.37 -14.12 -9.61
C SER A 65 -10.45 -13.96 -8.55
N LEU A 66 -10.95 -12.73 -8.34
CA LEU A 66 -11.90 -12.48 -7.27
C LEU A 66 -13.21 -11.84 -7.71
N LYS A 67 -13.45 -11.68 -9.02
CA LYS A 67 -14.59 -10.89 -9.52
C LYS A 67 -15.91 -11.24 -8.84
N SER A 68 -16.16 -12.53 -8.58
CA SER A 68 -17.43 -12.95 -7.96
C SER A 68 -17.64 -12.27 -6.61
N ARG A 69 -16.55 -11.95 -5.92
CA ARG A 69 -16.64 -11.31 -4.60
C ARG A 69 -16.76 -9.80 -4.73
N LEU A 70 -16.01 -9.22 -5.66
CA LEU A 70 -15.92 -7.78 -5.82
C LEU A 70 -17.21 -7.19 -6.39
N THR A 71 -17.45 -5.92 -6.06
CA THR A 71 -18.45 -5.06 -6.68
C THR A 71 -17.99 -3.63 -6.49
N ILE A 72 -17.98 -2.83 -7.56
CA ILE A 72 -17.51 -1.44 -7.50
C ILE A 72 -18.66 -0.51 -7.81
N SER A 73 -18.71 0.63 -7.13
CA SER A 73 -19.82 1.56 -7.20
C SER A 73 -19.30 2.98 -7.23
N LYS A 74 -20.15 3.92 -7.67
CA LYS A 74 -19.76 5.32 -7.77
C LYS A 74 -20.97 6.20 -7.45
N ASP A 75 -20.67 7.47 -7.14
CA ASP A 75 -21.68 8.48 -6.81
C ASP A 75 -21.23 9.80 -7.44
N THR A 76 -21.64 10.01 -8.70
CA THR A 76 -21.04 11.07 -9.51
C THR A 76 -21.24 12.45 -8.88
N SER A 77 -22.42 12.72 -8.34
CA SER A 77 -22.65 14.01 -7.71
C SER A 77 -21.82 14.17 -6.44
N SER A 78 -21.70 13.10 -5.66
CA SER A 78 -21.03 13.14 -4.37
C SER A 78 -19.52 12.94 -4.45
N ASN A 79 -18.98 12.60 -5.62
CA ASN A 79 -17.55 12.34 -5.78
C ASN A 79 -17.06 11.26 -4.80
N GLN A 80 -17.80 10.16 -4.76
CA GLN A 80 -17.43 8.99 -3.97
C GLN A 80 -17.39 7.75 -4.86
N VAL A 81 -16.52 6.80 -4.50
CA VAL A 81 -16.41 5.53 -5.19
C VAL A 81 -16.32 4.43 -4.14
N PHE A 82 -17.19 3.43 -4.23
CA PHE A 82 -17.30 2.39 -3.22
C PHE A 82 -16.77 1.07 -3.75
N LEU A 83 -16.07 0.34 -2.88
CA LEU A 83 -15.63 -1.02 -3.16
C LEU A 83 -16.18 -1.96 -2.10
N LYS A 84 -17.00 -2.93 -2.51
CA LYS A 84 -17.51 -3.93 -1.59
C LYS A 84 -16.85 -5.27 -1.88
N ILE A 85 -16.35 -5.93 -0.83
CA ILE A 85 -15.73 -7.24 -0.93
C ILE A 85 -16.48 -8.18 0.00
N THR A 86 -16.94 -9.30 -0.52
CA THR A 86 -17.78 -10.18 0.26
C THR A 86 -17.02 -11.44 0.67
N SER A 87 -17.56 -12.11 1.69
CA SER A 87 -17.08 -13.40 2.18
C SER A 87 -15.57 -13.39 2.46
N VAL A 88 -15.16 -12.45 3.31
CA VAL A 88 -13.74 -12.15 3.49
C VAL A 88 -13.07 -13.22 4.35
N ASP A 89 -11.79 -13.48 4.04
CA ASP A 89 -10.96 -14.36 4.84
C ASP A 89 -9.63 -13.66 5.12
N THR A 90 -8.67 -14.40 5.69
CA THR A 90 -7.42 -13.78 6.10
C THR A 90 -6.71 -13.10 4.93
N ALA A 91 -6.88 -13.63 3.72
CA ALA A 91 -6.18 -13.12 2.54
C ALA A 91 -6.62 -11.71 2.17
N ASP A 92 -7.56 -11.16 2.93
CA ASP A 92 -8.09 -9.82 2.67
C ASP A 92 -7.52 -8.76 3.60
N THR A 93 -6.82 -9.15 4.65
CA THR A 93 -6.06 -8.26 5.51
C THR A 93 -5.04 -7.46 4.69
N ALA A 94 -5.29 -6.18 4.42
CA ALA A 94 -4.33 -5.39 3.65
C ALA A 94 -4.63 -3.90 3.77
N THR A 95 -3.73 -3.11 3.20
CA THR A 95 -3.86 -1.65 3.11
C THR A 95 -4.47 -1.30 1.74
N TYR A 96 -5.69 -0.79 1.74
CA TYR A 96 -6.45 -0.53 0.52
C TYR A 96 -6.28 0.92 0.06
N TYR A 97 -5.51 1.13 -0.99
CA TYR A 97 -5.43 2.45 -1.60
C TYR A 97 -6.58 2.67 -2.58
N CYS A 98 -6.67 3.90 -3.06
CA CYS A 98 -7.65 4.34 -4.04
C CYS A 98 -6.92 5.30 -4.96
N ALA A 99 -7.06 5.12 -6.27
CA ALA A 99 -6.22 5.82 -7.23
C ALA A 99 -7.05 6.24 -8.44
N ARG A 100 -6.52 7.24 -9.14
CA ARG A 100 -7.11 7.73 -10.37
C ARG A 100 -6.29 7.27 -11.56
N SER A 101 -6.99 6.94 -12.65
CA SER A 101 -6.36 6.69 -13.93
C SER A 101 -7.18 7.40 -14.99
N ILE A 102 -6.49 8.10 -15.88
CA ILE A 102 -7.12 8.70 -17.04
C ILE A 102 -7.03 7.71 -18.21
N TYR A 103 -8.18 7.43 -18.83
CA TYR A 103 -8.24 6.56 -20.00
C TYR A 103 -8.20 7.40 -21.27
N ASP A 104 -7.09 7.34 -21.99
CA ASP A 104 -6.98 7.89 -23.34
C ASP A 104 -6.90 6.81 -24.43
N GLY A 105 -6.77 5.54 -24.07
CA GLY A 105 -6.53 4.49 -25.03
C GLY A 105 -5.08 4.11 -25.17
N TYR A 106 -4.16 4.99 -24.77
CA TYR A 106 -2.72 4.75 -24.87
C TYR A 106 -2.18 4.34 -23.50
N TYR A 107 -1.35 5.14 -22.86
CA TYR A 107 -0.98 4.81 -21.49
C TYR A 107 -2.14 5.04 -20.55
N ASP A 108 -2.47 4.01 -19.78
CA ASP A 108 -3.46 4.06 -18.69
C ASP A 108 -2.69 3.75 -17.42
N TYR A 109 -2.36 4.78 -16.65
CA TYR A 109 -1.61 4.57 -15.41
C TYR A 109 -2.26 5.33 -14.27
N PHE A 110 -1.77 5.06 -13.06
CA PHE A 110 -2.32 5.63 -11.84
C PHE A 110 -1.53 6.87 -11.46
N ASP A 111 -2.10 8.05 -11.74
CA ASP A 111 -1.39 9.31 -11.60
C ASP A 111 -1.49 9.93 -10.20
N VAL A 112 -2.57 9.66 -9.45
CA VAL A 112 -2.71 10.18 -8.09
C VAL A 112 -3.22 9.07 -7.19
N TRP A 113 -2.65 8.97 -5.97
CA TRP A 113 -2.97 7.94 -4.99
C TRP A 113 -3.43 8.55 -3.67
N GLY A 114 -4.50 7.99 -3.11
CA GLY A 114 -4.90 8.32 -1.76
C GLY A 114 -3.94 7.76 -0.72
N ALA A 115 -4.17 8.17 0.52
CA ALA A 115 -3.32 7.74 1.63
C ALA A 115 -3.45 6.25 1.92
N GLY A 116 -4.60 5.67 1.61
CA GLY A 116 -4.89 4.28 1.90
C GLY A 116 -5.53 4.07 3.26
N THR A 117 -6.14 2.91 3.43
CA THR A 117 -6.71 2.47 4.70
C THR A 117 -6.30 1.03 4.95
N THR A 118 -6.22 0.68 6.22
CA THR A 118 -5.73 -0.60 6.65
C THR A 118 -6.85 -1.40 7.30
N VAL A 119 -7.08 -2.60 6.79
CA VAL A 119 -8.12 -3.48 7.28
C VAL A 119 -7.45 -4.73 7.85
N THR A 120 -8.03 -5.27 8.91
CA THR A 120 -7.59 -6.54 9.47
C THR A 120 -8.77 -7.48 9.57
N VAL A 121 -8.61 -8.67 9.01
CA VAL A 121 -9.57 -9.75 9.11
C VAL A 121 -9.27 -10.50 10.39
N CYS A 122 -10.07 -10.26 11.43
CA CYS A 122 -10.00 -11.07 12.64
C CYS A 122 -10.02 -12.54 12.27
N SER A 123 -8.94 -13.25 12.57
CA SER A 123 -8.96 -14.70 12.45
C SER A 123 -9.93 -15.22 13.50
N GLY A 124 -11.09 -15.67 13.04
CA GLY A 124 -12.21 -15.86 13.95
C GLY A 124 -12.52 -17.29 14.35
N SER A 125 -12.14 -17.65 15.56
CA SER A 125 -12.58 -18.92 16.12
C SER A 125 -14.00 -18.78 16.66
N ASP A 126 -14.63 -19.93 16.90
CA ASP A 126 -15.84 -19.94 17.71
C ASP A 126 -15.56 -19.31 19.06
N TYR A 127 -16.31 -18.25 19.38
CA TYR A 127 -16.20 -17.60 20.67
C TYR A 127 -17.50 -17.72 21.46
N GLU A 128 -18.22 -18.82 21.26
CA GLU A 128 -19.39 -19.09 22.07
C GLU A 128 -19.03 -19.35 23.53
N PHE A 129 -17.81 -19.85 23.80
CA PHE A 129 -17.43 -20.20 25.16
C PHE A 129 -17.67 -19.06 26.13
N LEU A 130 -17.44 -17.82 25.68
CA LEU A 130 -17.56 -16.66 26.55
C LEU A 130 -18.96 -16.56 27.14
N LYS A 131 -19.99 -16.79 26.32
CA LYS A 131 -21.39 -16.67 26.74
C LYS A 131 -21.70 -17.46 28.01
N SER A 132 -20.85 -18.43 28.37
CA SER A 132 -20.95 -19.06 29.68
C SER A 132 -20.57 -18.09 30.79
N TRP A 133 -19.57 -17.24 30.57
CA TRP A 133 -19.14 -16.29 31.59
C TRP A 133 -20.22 -15.23 31.81
N THR A 134 -20.19 -14.63 32.99
CA THR A 134 -21.05 -13.50 33.30
C THR A 134 -20.27 -12.21 33.04
N VAL A 135 -20.91 -11.07 33.32
CA VAL A 135 -20.34 -9.77 32.96
C VAL A 135 -18.94 -9.62 33.55
N GLU A 136 -18.85 -9.68 34.87
CA GLU A 136 -17.60 -9.36 35.57
C GLU A 136 -16.45 -10.23 35.09
N ASP A 137 -16.72 -11.52 34.84
CA ASP A 137 -15.67 -12.38 34.32
C ASP A 137 -15.21 -11.95 32.94
N LEU A 138 -16.14 -11.43 32.13
CA LEU A 138 -15.77 -10.93 30.81
C LEU A 138 -14.98 -9.64 30.92
N GLN A 139 -15.35 -8.78 31.88
CA GLN A 139 -14.63 -7.53 32.07
C GLN A 139 -13.16 -7.78 32.34
N LYS A 140 -12.86 -8.83 33.10
CA LYS A 140 -11.46 -9.13 33.43
C LYS A 140 -10.61 -9.25 32.17
N ARG A 141 -11.03 -10.10 31.24
CA ARG A 141 -10.23 -10.28 30.03
C ARG A 141 -10.17 -9.00 29.21
N LEU A 142 -11.25 -8.22 29.22
CA LEU A 142 -11.24 -6.95 28.51
C LEU A 142 -10.18 -6.01 29.11
N LEU A 143 -10.10 -5.97 30.44
CA LEU A 143 -9.11 -5.13 31.08
C LEU A 143 -7.70 -5.59 30.79
N ALA A 144 -7.49 -6.91 30.65
CA ALA A 144 -6.14 -7.43 30.45
C ALA A 144 -5.54 -7.02 29.11
N LEU A 145 -6.36 -6.75 28.10
CA LEU A 145 -5.84 -6.52 26.76
C LEU A 145 -5.09 -5.19 26.66
N ASP A 146 -5.53 -4.17 27.41
CA ASP A 146 -4.90 -2.87 27.29
C ASP A 146 -3.45 -2.86 27.76
N PRO A 147 -3.10 -3.43 28.92
CA PRO A 147 -1.67 -3.48 29.25
C PRO A 147 -0.89 -4.41 28.33
N MET A 148 -1.52 -5.50 27.89
CA MET A 148 -0.86 -6.39 26.95
C MET A 148 -0.60 -5.69 25.62
N MET A 149 -1.53 -4.84 25.19
CA MET A 149 -1.36 -4.13 23.92
C MET A 149 -0.25 -3.10 24.01
N GLU A 150 -0.25 -2.28 25.06
CA GLU A 150 0.76 -1.22 25.20
C GLU A 150 2.16 -1.78 25.36
N GLN A 151 2.29 -3.02 25.83
CA GLN A 151 3.61 -3.65 25.93
C GLN A 151 4.14 -4.02 24.55
N GLU A 152 3.28 -4.53 23.66
CA GLU A 152 3.71 -4.80 22.31
C GLU A 152 4.00 -3.51 21.54
N ILE A 153 3.40 -2.39 21.96
CA ILE A 153 3.64 -1.15 21.26
C ILE A 153 4.95 -0.51 21.69
N GLU A 154 5.22 -0.50 23.00
CA GLU A 154 6.53 -0.02 23.46
C GLU A 154 7.65 -0.90 22.92
N GLU A 155 7.38 -2.18 22.73
CA GLU A 155 8.36 -3.07 22.12
C GLU A 155 8.69 -2.61 20.70
N ILE A 156 7.67 -2.17 19.95
CA ILE A 156 7.91 -1.57 18.63
C ILE A 156 8.65 -0.25 18.78
N ARG A 157 8.39 0.49 19.84
CA ARG A 157 9.11 1.73 20.10
C ARG A 157 10.58 1.46 20.39
N GLN A 158 10.84 0.53 21.31
CA GLN A 158 12.23 0.20 21.63
C GLN A 158 12.94 -0.34 20.41
N LYS A 159 12.25 -1.16 19.61
CA LYS A 159 12.86 -1.70 18.40
C LYS A 159 13.31 -0.60 17.45
N TYR A 160 12.50 0.46 17.30
CA TYR A 160 12.88 1.54 16.39
C TYR A 160 13.88 2.50 17.02
N GLN A 161 13.91 2.59 18.35
CA GLN A 161 14.98 3.37 18.98
C GLN A 161 16.34 2.73 18.71
N SER A 162 16.42 1.41 18.79
CA SER A 162 17.67 0.74 18.47
C SER A 162 18.04 0.93 17.00
N LYS A 163 17.04 1.12 16.13
CA LYS A 163 17.33 1.46 14.75
C LYS A 163 17.74 2.91 14.59
N ARG A 164 17.17 3.81 15.39
CA ARG A 164 17.56 5.22 15.32
C ARG A 164 19.00 5.40 15.81
N GLN A 165 19.40 4.62 16.81
CA GLN A 165 20.64 4.91 17.54
C GLN A 165 21.88 4.96 16.65
N PRO A 166 22.07 4.09 15.66
CA PRO A 166 23.26 4.24 14.80
C PRO A 166 23.26 5.54 14.02
N ILE A 167 22.11 5.96 13.50
CA ILE A 167 22.08 7.22 12.76
C ILE A 167 22.27 8.40 13.70
N LEU A 168 21.61 8.36 14.87
CA LEU A 168 21.78 9.40 15.88
C LEU A 168 23.24 9.55 16.27
N ASP A 169 23.89 8.44 16.58
CA ASP A 169 25.31 8.48 16.89
C ASP A 169 26.13 8.99 15.71
N ALA A 170 25.65 8.75 14.48
CA ALA A 170 26.34 9.29 13.32
C ALA A 170 26.19 10.80 13.23
N ILE A 171 25.07 11.36 13.71
CA ILE A 171 24.87 12.79 13.65
C ILE A 171 25.79 13.49 14.65
N GLU A 172 25.68 13.10 15.92
CA GLU A 172 26.43 13.78 16.97
C GLU A 172 27.94 13.66 16.76
N ALA A 173 28.38 12.61 16.06
CA ALA A 173 29.82 12.42 15.86
C ALA A 173 30.41 13.55 15.02
N LYS A 174 29.73 13.92 13.94
CA LYS A 174 30.23 14.99 13.07
C LYS A 174 29.06 15.72 12.39
N GLN B 2 -3.12 -11.77 -16.43
CA GLN B 2 -2.92 -12.26 -17.79
C GLN B 2 -1.51 -11.98 -18.27
N ILE B 3 -1.15 -10.70 -18.36
CA ILE B 3 0.26 -10.32 -18.50
C ILE B 3 0.86 -10.31 -17.11
N VAL B 4 1.97 -11.02 -16.94
CA VAL B 4 2.64 -11.13 -15.65
C VAL B 4 3.92 -10.32 -15.72
N LEU B 5 4.07 -9.36 -14.81
CA LEU B 5 5.30 -8.60 -14.70
C LEU B 5 6.26 -9.29 -13.76
N SER B 6 7.50 -9.39 -14.20
CA SER B 6 8.57 -10.04 -13.48
C SER B 6 9.62 -9.01 -13.15
N GLN B 7 9.87 -8.80 -11.87
CA GLN B 7 10.89 -7.84 -11.49
C GLN B 7 12.12 -8.55 -10.95
N SER B 8 13.27 -8.13 -11.46
CA SER B 8 14.55 -8.60 -11.02
C SER B 8 15.47 -7.39 -11.03
N PRO B 9 16.38 -7.30 -10.06
CA PRO B 9 16.43 -8.22 -8.91
C PRO B 9 15.34 -7.93 -7.87
N ALA B 10 14.88 -8.94 -7.14
CA ALA B 10 13.86 -8.70 -6.11
C ALA B 10 14.38 -7.73 -5.05
N ILE B 11 15.63 -7.87 -4.66
CA ILE B 11 16.30 -6.99 -3.72
C ILE B 11 17.56 -6.46 -4.38
N LEU B 12 17.81 -5.15 -4.24
CA LEU B 12 19.00 -4.51 -4.77
C LEU B 12 19.68 -3.73 -3.66
N SER B 13 20.97 -4.00 -3.48
CA SER B 13 21.81 -3.33 -2.48
C SER B 13 22.87 -2.52 -3.21
N ALA B 14 22.92 -1.22 -2.94
CA ALA B 14 23.82 -0.32 -3.64
C ALA B 14 24.55 0.59 -2.66
N SER B 15 25.55 1.29 -3.18
CA SER B 15 26.39 2.27 -2.53
C SER B 15 26.03 3.67 -3.01
N PRO B 16 26.05 4.67 -2.12
CA PRO B 16 25.62 6.02 -2.51
C PRO B 16 26.54 6.62 -3.57
N GLY B 17 25.97 6.90 -4.73
CA GLY B 17 26.72 7.44 -5.86
C GLY B 17 27.01 6.42 -6.93
N GLU B 18 26.56 5.19 -6.79
CA GLU B 18 26.88 4.10 -7.70
C GLU B 18 25.69 3.88 -8.63
N LYS B 19 25.91 4.02 -9.93
CA LYS B 19 24.86 3.79 -10.92
C LYS B 19 24.33 2.37 -10.82
N VAL B 20 23.01 2.22 -10.86
CA VAL B 20 22.35 0.93 -10.85
C VAL B 20 21.27 0.92 -11.93
N THR B 21 20.71 -0.27 -12.15
CA THR B 21 19.65 -0.49 -13.11
C THR B 21 18.86 -1.69 -12.64
N MET B 22 17.54 -1.65 -12.81
CA MET B 22 16.65 -2.73 -12.43
C MET B 22 15.68 -2.98 -13.57
N THR B 23 15.17 -4.21 -13.65
CA THR B 23 14.41 -4.64 -14.81
C THR B 23 13.07 -5.24 -14.43
N CYS B 24 12.16 -5.13 -15.40
CA CYS B 24 10.80 -5.61 -15.38
C CYS B 24 10.56 -6.23 -16.73
N ARG B 25 10.14 -7.49 -16.76
CA ARG B 25 9.89 -8.16 -18.02
C ARG B 25 8.55 -8.88 -17.98
N ALA B 26 7.88 -8.90 -19.14
CA ALA B 26 6.48 -9.30 -19.22
C ALA B 26 6.28 -10.45 -20.19
N THR B 27 5.30 -11.28 -19.85
CA THR B 27 4.85 -12.38 -20.71
C THR B 27 4.72 -11.96 -22.17
N SER B 28 4.00 -10.88 -22.43
CA SER B 28 3.61 -10.46 -23.76
C SER B 28 4.16 -9.06 -24.04
N SER B 29 4.08 -8.64 -25.30
CA SER B 29 4.48 -7.28 -25.63
C SER B 29 3.61 -6.27 -24.90
N VAL B 30 4.24 -5.22 -24.37
CA VAL B 30 3.60 -4.23 -23.51
C VAL B 30 3.77 -2.86 -24.16
N THR B 31 2.66 -2.16 -24.39
CA THR B 31 2.72 -0.87 -25.08
C THR B 31 3.52 0.15 -24.29
N TYR B 32 3.23 0.28 -23.00
CA TYR B 32 3.93 1.22 -22.14
C TYR B 32 4.15 0.56 -20.79
N MET B 33 5.26 0.93 -20.15
CA MET B 33 5.59 0.50 -18.80
C MET B 33 5.54 1.70 -17.86
N HIS B 34 4.97 1.49 -16.68
CA HIS B 34 4.85 2.51 -15.66
C HIS B 34 5.59 2.05 -14.41
N TRP B 35 6.08 3.02 -13.62
CA TRP B 35 6.87 2.76 -12.42
C TRP B 35 6.35 3.59 -11.26
N TYR B 36 6.38 2.98 -10.08
CA TYR B 36 5.93 3.61 -8.84
C TYR B 36 6.95 3.36 -7.75
N GLN B 37 7.29 4.41 -7.00
CA GLN B 37 8.14 4.29 -5.83
C GLN B 37 7.27 4.19 -4.59
N GLN B 38 7.67 3.34 -3.64
CA GLN B 38 6.97 3.25 -2.36
C GLN B 38 7.99 2.99 -1.27
N LYS B 39 8.12 3.93 -0.33
CA LYS B 39 8.84 3.82 0.94
C LYS B 39 7.93 3.18 1.97
N PRO B 40 8.46 2.32 2.84
CA PRO B 40 7.59 1.53 3.74
C PRO B 40 6.80 2.42 4.68
N GLY B 41 5.50 2.15 4.77
CA GLY B 41 4.57 2.87 5.62
C GLY B 41 3.75 3.94 4.93
N SER B 42 3.98 4.20 3.66
CA SER B 42 3.28 5.27 2.97
C SER B 42 2.66 4.77 1.68
N SER B 43 1.88 5.64 1.04
CA SER B 43 1.33 5.36 -0.26
C SER B 43 2.43 5.28 -1.31
N PRO B 44 2.17 4.59 -2.43
CA PRO B 44 3.10 4.62 -3.55
C PRO B 44 2.99 5.93 -4.31
N LYS B 45 4.12 6.34 -4.91
CA LYS B 45 4.18 7.55 -5.72
C LYS B 45 4.40 7.20 -7.18
N PRO B 46 3.64 7.79 -8.10
CA PRO B 46 3.99 7.68 -9.53
C PRO B 46 5.38 8.24 -9.81
N TRP B 47 6.31 7.36 -10.20
CA TRP B 47 7.69 7.75 -10.46
C TRP B 47 7.95 7.95 -11.94
N ILE B 48 7.69 6.92 -12.75
CA ILE B 48 7.91 6.96 -14.19
C ILE B 48 6.64 6.49 -14.89
N TYR B 49 6.17 7.28 -15.85
CA TYR B 49 5.00 6.91 -16.65
C TYR B 49 5.33 6.92 -18.13
N ALA B 50 4.54 6.20 -18.91
CA ALA B 50 4.75 6.06 -20.36
C ALA B 50 6.20 5.64 -20.67
N THR B 51 6.67 4.65 -19.91
CA THR B 51 7.98 4.00 -20.10
C THR B 51 9.17 4.88 -19.75
N SER B 52 9.16 6.15 -20.14
CA SER B 52 10.35 6.98 -19.93
C SER B 52 10.05 8.40 -19.45
N ASN B 53 8.82 8.71 -19.02
CA ASN B 53 8.50 10.06 -18.59
C ASN B 53 8.48 10.18 -17.07
N LEU B 54 9.29 11.09 -16.53
CA LEU B 54 9.36 11.32 -15.10
C LEU B 54 8.19 12.16 -14.61
N ALA B 55 7.55 11.70 -13.54
CA ALA B 55 6.49 12.48 -12.93
C ALA B 55 7.07 13.75 -12.31
N SER B 56 6.17 14.70 -12.03
CA SER B 56 6.58 15.95 -11.38
C SER B 56 7.32 15.66 -10.08
N GLY B 57 8.50 16.26 -9.93
CA GLY B 57 9.27 16.14 -8.72
C GLY B 57 10.20 14.96 -8.65
N VAL B 58 10.31 14.18 -9.72
CA VAL B 58 11.23 13.05 -9.73
C VAL B 58 12.63 13.55 -10.11
N PRO B 59 13.67 13.18 -9.36
CA PRO B 59 15.02 13.67 -9.67
C PRO B 59 15.45 13.27 -11.07
N ALA B 60 16.24 14.14 -11.70
CA ALA B 60 16.77 13.88 -13.03
C ALA B 60 17.69 12.67 -13.08
N ARG B 61 18.20 12.22 -11.92
CA ARG B 61 19.08 11.08 -11.89
C ARG B 61 18.37 9.78 -12.28
N PHE B 62 17.05 9.77 -12.29
CA PHE B 62 16.28 8.61 -12.70
C PHE B 62 16.09 8.61 -14.22
N SER B 63 15.86 7.42 -14.75
CA SER B 63 15.71 7.23 -16.19
C SER B 63 14.91 5.94 -16.43
N GLY B 64 14.12 5.97 -17.49
CA GLY B 64 13.37 4.79 -17.90
C GLY B 64 13.68 4.45 -19.36
N SER B 65 13.63 3.15 -19.64
CA SER B 65 13.98 2.67 -20.97
C SER B 65 13.24 1.36 -21.21
N GLY B 66 12.92 1.11 -22.47
CA GLY B 66 12.41 -0.19 -22.82
C GLY B 66 11.63 -0.17 -24.12
N SER B 67 11.29 -1.37 -24.56
CA SER B 67 10.52 -1.67 -25.76
C SER B 67 10.11 -3.12 -25.70
N GLY B 68 9.01 -3.45 -26.37
CA GLY B 68 8.52 -4.81 -26.40
C GLY B 68 8.18 -5.35 -25.02
N THR B 69 9.01 -6.25 -24.49
CA THR B 69 8.81 -6.77 -23.14
C THR B 69 10.08 -6.63 -22.30
N SER B 70 11.03 -5.83 -22.75
CA SER B 70 12.22 -5.49 -21.98
C SER B 70 12.03 -4.08 -21.45
N TYR B 71 11.84 -3.95 -20.14
CA TYR B 71 11.62 -2.66 -19.51
C TYR B 71 12.52 -2.54 -18.29
N SER B 72 13.14 -1.37 -18.15
CA SER B 72 14.21 -1.18 -17.17
C SER B 72 14.16 0.24 -16.62
N LEU B 73 14.47 0.37 -15.32
CA LEU B 73 14.67 1.65 -14.67
C LEU B 73 16.13 1.80 -14.33
N THR B 74 16.69 2.98 -14.55
CA THR B 74 18.09 3.25 -14.28
C THR B 74 18.24 4.51 -13.43
N ILE B 75 18.92 4.36 -12.28
CA ILE B 75 19.33 5.47 -11.43
C ILE B 75 20.76 5.83 -11.83
N SER B 76 20.98 7.07 -12.24
CA SER B 76 22.33 7.50 -12.64
C SER B 76 23.27 7.46 -11.45
N ARG B 77 22.89 8.10 -10.35
CA ARG B 77 23.75 8.20 -9.16
C ARG B 77 22.88 7.94 -7.94
N VAL B 78 22.96 6.72 -7.41
CA VAL B 78 22.13 6.35 -6.26
C VAL B 78 22.46 7.24 -5.06
N GLU B 79 21.42 7.59 -4.29
CA GLU B 79 21.56 8.33 -3.05
C GLU B 79 20.71 7.66 -2.00
N ALA B 80 20.97 8.02 -0.72
CA ALA B 80 20.31 7.34 0.39
C ALA B 80 18.81 7.53 0.36
N ALA B 81 18.34 8.69 -0.10
CA ALA B 81 16.90 8.93 -0.16
C ALA B 81 16.20 7.98 -1.12
N ASP B 82 16.95 7.38 -2.05
CA ASP B 82 16.35 6.54 -3.08
C ASP B 82 15.90 5.19 -2.55
N ALA B 83 16.48 4.71 -1.46
CA ALA B 83 16.12 3.38 -0.94
C ALA B 83 14.61 3.25 -0.76
N ALA B 84 13.98 2.43 -1.60
CA ALA B 84 12.55 2.17 -1.55
C ALA B 84 12.26 0.96 -2.45
N THR B 85 10.99 0.54 -2.46
CA THR B 85 10.56 -0.52 -3.36
C THR B 85 9.93 0.11 -4.60
N TYR B 86 10.47 -0.22 -5.76
CA TYR B 86 9.99 0.25 -7.04
C TYR B 86 9.18 -0.86 -7.71
N TYR B 87 7.93 -0.55 -8.06
CA TYR B 87 7.05 -1.45 -8.76
C TYR B 87 6.89 -1.01 -10.20
N CYS B 88 6.90 -1.97 -11.12
CA CYS B 88 6.51 -1.71 -12.49
C CYS B 88 5.05 -2.14 -12.67
N GLN B 89 4.35 -1.47 -13.58
CA GLN B 89 2.94 -1.75 -13.80
C GLN B 89 2.62 -1.55 -15.28
N GLN B 90 1.65 -2.30 -15.78
CA GLN B 90 1.24 -2.14 -17.16
C GLN B 90 -0.28 -2.12 -17.26
N TRP B 91 -0.76 -1.58 -18.38
CA TRP B 91 -2.18 -1.68 -18.74
C TRP B 91 -2.34 -1.89 -20.24
N THR B 92 -1.44 -2.70 -20.83
CA THR B 92 -1.63 -3.10 -22.22
C THR B 92 -2.93 -3.87 -22.38
N SER B 93 -3.26 -4.73 -21.41
CA SER B 93 -4.54 -5.44 -21.39
C SER B 93 -4.99 -5.68 -19.96
N ASN B 94 -6.31 -5.87 -19.81
CA ASN B 94 -6.88 -6.31 -18.55
C ASN B 94 -6.34 -7.67 -18.13
N PRO B 95 -6.15 -7.89 -16.82
CA PRO B 95 -6.25 -6.81 -15.83
C PRO B 95 -4.93 -6.04 -15.76
N PRO B 96 -4.91 -4.84 -15.21
CA PRO B 96 -3.61 -4.20 -14.96
C PRO B 96 -2.89 -5.00 -13.88
N THR B 97 -1.58 -5.05 -14.00
CA THR B 97 -0.80 -5.88 -13.10
C THR B 97 0.47 -5.15 -12.69
N PHE B 98 0.93 -5.47 -11.49
CA PHE B 98 2.14 -4.89 -10.93
C PHE B 98 3.24 -5.93 -10.91
N GLY B 99 4.47 -5.45 -10.96
CA GLY B 99 5.60 -6.33 -10.79
C GLY B 99 5.78 -6.76 -9.36
N GLY B 100 6.72 -7.67 -9.16
CA GLY B 100 7.11 -8.06 -7.81
C GLY B 100 7.75 -6.91 -7.05
N GLY B 101 8.34 -5.97 -7.78
CA GLY B 101 9.06 -4.87 -7.18
C GLY B 101 10.50 -5.21 -6.86
N THR B 102 11.39 -4.24 -7.03
CA THR B 102 12.76 -4.30 -6.55
C THR B 102 12.87 -3.44 -5.29
N LYS B 103 13.27 -4.05 -4.17
CA LYS B 103 13.56 -3.30 -2.96
C LYS B 103 15.00 -2.79 -3.01
N LEU B 104 15.17 -1.48 -3.10
CA LEU B 104 16.49 -0.88 -3.13
C LEU B 104 16.98 -0.62 -1.71
N GLU B 105 18.15 -1.18 -1.38
CA GLU B 105 18.74 -1.05 -0.07
C GLU B 105 20.15 -0.50 -0.19
N ILE B 106 20.63 0.07 0.89
CA ILE B 106 21.98 0.63 0.93
C ILE B 106 22.93 -0.38 1.55
N LYS B 107 24.04 -0.63 0.84
CA LYS B 107 25.10 -1.49 1.35
C LYS B 107 25.44 -1.13 2.79
N ARG B 108 25.69 0.15 3.04
CA ARG B 108 26.26 0.64 4.27
C ARG B 108 25.20 1.11 5.27
N GLY B 109 23.99 0.54 5.21
CA GLY B 109 22.89 1.07 6.01
C GLY B 109 23.16 1.08 7.50
N SER B 110 23.96 0.15 7.99
CA SER B 110 24.27 0.03 9.42
C SER B 110 25.74 -0.31 9.64
N SER B 117 27.98 7.74 8.36
CA SER B 117 28.91 8.87 8.33
C SER B 117 28.88 9.60 6.99
N TRP B 118 27.68 9.94 6.54
CA TRP B 118 27.48 10.70 5.32
C TRP B 118 27.34 12.18 5.66
N THR B 119 26.79 12.96 4.74
CA THR B 119 26.40 14.32 5.07
C THR B 119 25.20 14.30 6.00
N VAL B 120 25.11 15.33 6.84
CA VAL B 120 24.05 15.36 7.85
C VAL B 120 22.68 15.40 7.19
N GLU B 121 22.57 16.01 6.02
CA GLU B 121 21.30 16.00 5.30
C GLU B 121 20.88 14.57 4.95
N ASP B 122 21.83 13.76 4.45
CA ASP B 122 21.50 12.38 4.10
C ASP B 122 21.12 11.57 5.33
N LEU B 123 21.92 11.67 6.40
CA LEU B 123 21.61 10.93 7.62
C LEU B 123 20.25 11.33 8.17
N GLN B 124 19.94 12.63 8.13
CA GLN B 124 18.63 13.11 8.56
C GLN B 124 17.52 12.50 7.71
N LYS B 125 17.72 12.44 6.40
CA LYS B 125 16.70 11.87 5.51
C LYS B 125 16.40 10.43 5.90
N ARG B 126 17.43 9.60 5.99
CA ARG B 126 17.22 8.22 6.42
C ARG B 126 16.59 8.15 7.81
N LEU B 127 16.91 9.11 8.67
CA LEU B 127 16.35 9.10 10.02
C LEU B 127 14.84 9.28 9.98
N LEU B 128 14.34 10.13 9.08
CA LEU B 128 12.91 10.37 8.99
C LEU B 128 12.16 9.20 8.36
N ALA B 129 12.76 8.54 7.36
CA ALA B 129 12.11 7.43 6.68
C ALA B 129 11.60 6.39 7.66
N LEU B 130 12.15 6.36 8.87
CA LEU B 130 11.79 5.32 9.83
C LEU B 130 10.39 5.50 10.39
N ASP B 131 9.96 6.74 10.59
CA ASP B 131 8.70 7.01 11.30
C ASP B 131 7.48 6.34 10.65
N PRO B 132 7.26 6.40 9.33
CA PRO B 132 6.04 5.77 8.78
C PRO B 132 5.96 4.27 8.97
N MET B 133 7.07 3.55 8.85
CA MET B 133 7.07 2.12 9.15
C MET B 133 6.56 1.85 10.56
N MET B 134 7.13 2.54 11.57
CA MET B 134 6.78 2.29 12.96
C MET B 134 5.30 2.54 13.22
N GLU B 135 4.76 3.63 12.68
CA GLU B 135 3.33 3.90 12.81
C GLU B 135 2.51 2.78 12.20
N GLN B 136 2.87 2.33 11.01
CA GLN B 136 2.16 1.24 10.37
C GLN B 136 2.17 0.02 11.29
N GLU B 137 3.35 -0.35 11.78
CA GLU B 137 3.47 -1.50 12.67
C GLU B 137 2.59 -1.35 13.90
N ILE B 138 2.68 -0.19 14.58
CA ILE B 138 1.88 0.08 15.77
C ILE B 138 0.40 -0.07 15.46
N GLU B 139 -0.06 0.51 14.36
CA GLU B 139 -1.47 0.45 14.00
C GLU B 139 -1.95 -0.99 13.87
N GLU B 140 -1.20 -1.83 13.17
CA GLU B 140 -1.58 -3.22 13.04
C GLU B 140 -1.63 -3.90 14.39
N ILE B 141 -0.90 -3.40 15.38
CA ILE B 141 -1.03 -3.95 16.73
C ILE B 141 -2.34 -3.49 17.36
N ARG B 142 -2.79 -2.28 17.02
CA ARG B 142 -4.06 -1.81 17.57
C ARG B 142 -5.22 -2.60 17.03
N GLN B 143 -5.19 -2.95 15.75
CA GLN B 143 -6.26 -3.75 15.17
C GLN B 143 -6.20 -5.20 15.63
N LYS B 144 -5.00 -5.68 15.96
CA LYS B 144 -4.90 -6.99 16.61
C LYS B 144 -5.70 -7.01 17.92
N TYR B 145 -5.62 -5.93 18.69
CA TYR B 145 -6.39 -5.86 19.92
C TYR B 145 -7.79 -5.33 19.71
N GLN B 146 -8.01 -4.53 18.68
CA GLN B 146 -9.39 -4.24 18.28
C GLN B 146 -10.09 -5.53 17.85
N CYS B 147 -9.37 -6.42 17.14
CA CYS B 147 -9.91 -7.74 16.85
C CYS B 147 -10.02 -8.58 18.13
N LYS B 148 -8.96 -8.63 18.94
CA LYS B 148 -9.01 -9.39 20.19
C LYS B 148 -10.16 -8.93 21.07
N ARG B 149 -10.45 -7.62 21.07
CA ARG B 149 -11.43 -7.04 21.99
C ARG B 149 -12.86 -7.38 21.60
N GLN B 150 -13.13 -7.47 20.29
CA GLN B 150 -14.51 -7.54 19.82
C GLN B 150 -15.30 -8.74 20.32
N PRO B 151 -14.74 -9.95 20.41
CA PRO B 151 -15.57 -11.07 20.91
C PRO B 151 -16.07 -10.86 22.33
N ILE B 152 -15.24 -10.32 23.21
CA ILE B 152 -15.65 -10.10 24.60
C ILE B 152 -16.77 -9.07 24.66
N LEU B 153 -16.65 -8.01 23.87
CA LEU B 153 -17.70 -6.99 23.86
C LEU B 153 -19.04 -7.59 23.43
N ASP B 154 -19.03 -8.37 22.35
CA ASP B 154 -20.28 -8.95 21.86
C ASP B 154 -20.92 -9.85 22.91
N ALA B 155 -20.13 -10.69 23.58
CA ALA B 155 -20.66 -11.55 24.62
C ALA B 155 -21.32 -10.71 25.71
N ILE B 156 -20.68 -9.61 26.10
CA ILE B 156 -21.29 -8.69 27.06
C ILE B 156 -22.51 -8.02 26.47
N GLU B 157 -22.43 -7.59 25.21
CA GLU B 157 -23.53 -6.89 24.56
C GLU B 157 -24.77 -7.77 24.37
N ALA B 158 -24.67 -9.07 24.62
CA ALA B 158 -25.81 -9.96 24.40
C ALA B 158 -26.95 -9.63 25.36
N LYS B 159 -26.65 -9.42 26.63
CA LYS B 159 -27.68 -9.04 27.61
C LYS B 159 -27.08 -8.28 28.79
#